data_8T95
#
_entry.id   8T95
#
_cell.length_a   64.258
_cell.length_b   103.064
_cell.length_c   104.065
_cell.angle_alpha   90.00
_cell.angle_beta   90.00
_cell.angle_gamma   90.00
#
_symmetry.space_group_name_H-M   'C 2 2 21'
#
loop_
_entity.id
_entity.type
_entity.pdbx_description
1 polymer Kinase
2 non-polymer "ADENOSINE-5'-DIPHOSPHATE"
3 non-polymer 'MAGNESIUM ION'
4 non-polymer (1S,3R,4R,6S)-1,3,4,6-TETRAPKISPHOSPHATE
5 water water
#
_entity_poly.entity_id   1
_entity_poly.type   'polypeptide(L)'
_entity_poly.pdbx_seq_one_letter_code
;DITNMSNIDLQSSKSVADEVIADIAEIVNKESIRIFPRIAGRSYIIYGQTSGIICKRMEKSDNEFVIYNYISEHYDKFLK
KYVPKLYGKNNDMLLLEDLTYNYNNPNVMDVKIGARKRKSHTSGFFSIRGYTNSHDYKFDPDEYLTSESTINHIKNFMEA
GGENRDKTKQVLLKWIMKLSELANDLFEINLKFDGVSLIFIYDDDCSKCDVNVVDFSRVKLIDTNDQMTISAVTNLIKIL
SELADNPLN
;
_entity_poly.pdbx_strand_id   A
#
loop_
_chem_comp.id
_chem_comp.type
_chem_comp.name
_chem_comp.formula
ADP non-polymer ADENOSINE-5'-DIPHOSPHATE 'C10 H15 N5 O10 P2'
I4P non-polymer (1S,3R,4R,6S)-1,3,4,6-TETRAPKISPHOSPHATE 'C6 H16 O18 P4'
MG non-polymer 'MAGNESIUM ION' 'Mg 2'
#
# COMPACT_ATOMS: atom_id res chain seq x y z
N SER A 32 -10.60 20.01 -17.21
CA SER A 32 -11.79 19.58 -16.40
C SER A 32 -11.42 18.38 -15.53
N ILE A 33 -11.20 17.21 -16.15
CA ILE A 33 -10.88 15.91 -15.46
C ILE A 33 -9.52 15.38 -15.96
N ARG A 34 -8.50 15.38 -15.09
CA ARG A 34 -7.18 14.73 -15.27
C ARG A 34 -7.18 13.39 -14.53
N ILE A 35 -6.95 12.28 -15.25
CA ILE A 35 -6.89 10.90 -14.67
C ILE A 35 -5.61 10.77 -13.86
N PHE A 36 -5.73 10.15 -12.67
CA PHE A 36 -4.62 9.83 -11.75
C PHE A 36 -3.90 8.58 -12.25
N PRO A 37 -2.54 8.59 -12.32
CA PRO A 37 -1.77 7.40 -12.71
C PRO A 37 -1.77 6.28 -11.66
N ARG A 38 -2.83 5.48 -11.63
CA ARG A 38 -2.95 4.28 -10.77
C ARG A 38 -1.80 3.30 -11.04
N ILE A 39 -1.40 2.56 -10.03
CA ILE A 39 -0.45 1.42 -10.17
C ILE A 39 -1.28 0.15 -10.29
N ALA A 40 -2.46 0.08 -9.68
CA ALA A 40 -3.35 -1.10 -9.76
C ALA A 40 -4.77 -0.67 -9.37
N GLY A 41 -5.64 -1.62 -9.11
CA GLY A 41 -7.07 -1.35 -8.89
C GLY A 41 -7.81 -1.28 -10.20
N ARG A 42 -9.15 -1.29 -10.14
CA ARG A 42 -10.07 -1.08 -11.29
C ARG A 42 -10.87 0.22 -11.07
N SER A 43 -10.62 0.93 -9.96
CA SER A 43 -11.42 2.07 -9.44
C SER A 43 -11.18 3.35 -10.26
N TYR A 44 -12.23 4.16 -10.37
CA TYR A 44 -12.15 5.51 -10.99
C TYR A 44 -11.50 6.45 -9.96
N ILE A 45 -10.30 6.94 -10.27
CA ILE A 45 -9.50 7.88 -9.42
C ILE A 45 -9.00 9.01 -10.31
N ILE A 46 -9.39 10.24 -9.99
CA ILE A 46 -8.97 11.46 -10.72
C ILE A 46 -8.19 12.35 -9.76
N TYR A 47 -7.41 13.30 -10.29
CA TYR A 47 -6.84 14.41 -9.48
C TYR A 47 -7.99 15.26 -8.93
N GLY A 48 -7.83 15.77 -7.71
CA GLY A 48 -8.69 16.83 -7.16
C GLY A 48 -8.64 18.05 -8.06
N GLN A 49 -9.70 18.87 -8.08
CA GLN A 49 -9.67 20.23 -8.69
C GLN A 49 -8.49 21.02 -8.09
N THR A 50 -8.09 20.64 -6.87
CA THR A 50 -7.11 21.29 -5.97
C THR A 50 -5.87 20.40 -5.78
N SER A 51 -4.73 21.03 -5.50
CA SER A 51 -3.44 20.38 -5.15
C SER A 51 -3.58 19.42 -3.96
N GLY A 52 -2.86 18.27 -4.04
CA GLY A 52 -2.60 17.32 -2.94
C GLY A 52 -3.78 16.40 -2.64
N ILE A 53 -4.77 16.38 -3.53
CA ILE A 53 -6.04 15.65 -3.31
C ILE A 53 -6.31 14.76 -4.52
N ILE A 54 -6.73 13.52 -4.28
CA ILE A 54 -7.27 12.61 -5.31
C ILE A 54 -8.71 12.29 -4.92
N CYS A 55 -9.54 12.13 -5.96
CA CYS A 55 -10.95 11.74 -5.83
C CYS A 55 -11.06 10.28 -6.28
N LYS A 56 -11.45 9.41 -5.35
CA LYS A 56 -11.69 7.98 -5.59
C LYS A 56 -13.20 7.77 -5.56
N ARG A 57 -13.77 7.20 -6.60
CA ARG A 57 -15.23 6.86 -6.64
C ARG A 57 -15.47 5.53 -5.95
N MET A 58 -16.46 5.50 -5.07
CA MET A 58 -17.03 4.27 -4.46
C MET A 58 -18.04 3.64 -5.43
N GLU A 59 -17.68 2.52 -6.05
CA GLU A 59 -18.45 1.90 -7.17
C GLU A 59 -19.70 1.17 -6.62
N LYS A 60 -19.56 0.34 -5.58
CA LYS A 60 -20.55 -0.72 -5.31
C LYS A 60 -21.36 -0.40 -4.05
N SER A 61 -20.73 0.16 -3.02
CA SER A 61 -21.38 0.63 -1.76
C SER A 61 -20.55 1.76 -1.16
N ASP A 62 -21.02 2.34 -0.07
CA ASP A 62 -20.25 3.34 0.70
C ASP A 62 -19.42 2.64 1.80
N ASN A 63 -19.28 1.32 1.78
CA ASN A 63 -18.55 0.60 2.85
C ASN A 63 -17.20 1.27 3.16
N GLU A 64 -16.42 1.69 2.18
CA GLU A 64 -15.09 2.32 2.42
C GLU A 64 -15.25 3.52 3.37
N PHE A 65 -16.23 4.39 3.15
CA PHE A 65 -16.51 5.57 3.99
C PHE A 65 -16.91 5.12 5.41
N VAL A 66 -17.76 4.11 5.50
CA VAL A 66 -18.29 3.62 6.80
C VAL A 66 -17.10 3.19 7.64
N ILE A 67 -16.17 2.49 7.01
CA ILE A 67 -14.94 1.95 7.65
C ILE A 67 -13.96 3.07 7.97
N TYR A 68 -13.73 4.07 7.12
CA TYR A 68 -12.88 5.23 7.51
C TYR A 68 -13.45 5.82 8.81
N ASN A 69 -14.75 6.06 8.85
CA ASN A 69 -15.43 6.70 10.02
C ASN A 69 -15.31 5.77 11.23
N TYR A 70 -15.50 4.47 11.06
CA TYR A 70 -15.43 3.52 12.20
C TYR A 70 -14.01 3.56 12.79
N ILE A 71 -13.00 3.48 11.93
CA ILE A 71 -11.59 3.50 12.39
C ILE A 71 -11.33 4.84 13.07
N SER A 72 -11.88 5.91 12.54
CA SER A 72 -11.76 7.27 13.13
C SER A 72 -12.27 7.27 14.58
N GLU A 73 -13.43 6.67 14.86
CA GLU A 73 -14.06 6.66 16.21
C GLU A 73 -13.33 5.71 17.16
N HIS A 74 -12.77 4.58 16.70
CA HIS A 74 -12.35 3.43 17.56
C HIS A 74 -10.84 3.20 17.57
N TYR A 75 -10.10 3.78 16.63
CA TYR A 75 -8.67 3.51 16.40
C TYR A 75 -8.01 4.72 15.73
N ASP A 76 -8.21 5.93 16.24
CA ASP A 76 -7.80 7.14 15.49
C ASP A 76 -6.27 7.17 15.38
N LYS A 77 -5.53 6.56 16.32
CA LYS A 77 -4.04 6.54 16.30
C LYS A 77 -3.58 5.77 15.06
N PHE A 78 -4.23 4.64 14.77
CA PHE A 78 -3.97 3.77 13.58
C PHE A 78 -4.20 4.61 12.31
N LEU A 79 -5.25 5.41 12.33
CA LEU A 79 -5.67 6.19 11.16
C LEU A 79 -4.65 7.29 10.89
N LYS A 80 -4.18 7.96 11.92
CA LYS A 80 -3.19 9.07 11.79
C LYS A 80 -1.81 8.50 11.39
N LYS A 81 -1.43 7.32 11.89
CA LYS A 81 -0.08 6.79 11.61
C LYS A 81 -0.02 6.20 10.20
N TYR A 82 -1.04 5.48 9.74
CA TYR A 82 -0.86 4.48 8.65
C TYR A 82 -1.71 4.76 7.42
N VAL A 83 -2.65 5.69 7.49
CA VAL A 83 -3.71 5.81 6.45
C VAL A 83 -3.72 7.24 5.91
N PRO A 84 -3.89 7.43 4.59
CA PRO A 84 -4.01 8.76 4.03
C PRO A 84 -5.26 9.43 4.62
N LYS A 85 -5.14 10.73 4.90
CA LYS A 85 -6.23 11.60 5.39
C LYS A 85 -7.42 11.48 4.44
N LEU A 86 -8.59 11.33 5.00
CA LEU A 86 -9.87 11.56 4.32
C LEU A 86 -10.28 12.99 4.66
N TYR A 87 -10.31 13.86 3.67
CA TYR A 87 -10.69 15.27 3.86
C TYR A 87 -12.21 15.42 3.79
N GLY A 88 -12.89 14.56 3.03
CA GLY A 88 -14.35 14.67 2.90
C GLY A 88 -14.91 13.73 1.88
N LYS A 89 -16.22 13.81 1.72
CA LYS A 89 -16.99 13.02 0.74
C LYS A 89 -17.77 14.03 -0.11
N ASN A 90 -17.88 13.75 -1.40
CA ASN A 90 -18.68 14.53 -2.37
C ASN A 90 -19.49 13.52 -3.20
N ASN A 91 -20.76 13.33 -2.84
CA ASN A 91 -21.68 12.32 -3.40
C ASN A 91 -21.06 10.95 -3.13
N ASP A 92 -20.48 10.34 -4.15
CA ASP A 92 -19.87 8.99 -4.09
C ASP A 92 -18.35 9.09 -4.24
N MET A 93 -17.78 10.30 -4.27
CA MET A 93 -16.31 10.55 -4.30
C MET A 93 -15.77 10.75 -2.88
N LEU A 94 -14.70 10.04 -2.53
CA LEU A 94 -13.86 10.32 -1.34
C LEU A 94 -12.74 11.25 -1.76
N LEU A 95 -12.56 12.36 -1.04
CA LEU A 95 -11.40 13.26 -1.21
C LEU A 95 -10.28 12.78 -0.27
N LEU A 96 -9.23 12.20 -0.85
CA LEU A 96 -8.13 11.51 -0.14
C LEU A 96 -6.82 12.28 -0.31
N GLU A 97 -5.99 12.26 0.71
CA GLU A 97 -4.60 12.75 0.60
C GLU A 97 -3.92 11.97 -0.53
N ASP A 98 -3.31 12.70 -1.47
CA ASP A 98 -2.49 12.12 -2.56
C ASP A 98 -1.11 11.82 -1.99
N LEU A 99 -0.79 10.54 -1.80
CA LEU A 99 0.45 10.05 -1.15
C LEU A 99 1.67 10.33 -2.02
N THR A 100 1.49 10.65 -3.29
CA THR A 100 2.64 10.92 -4.22
C THR A 100 2.95 12.41 -4.25
N TYR A 101 2.16 13.25 -3.60
CA TYR A 101 2.12 14.70 -3.89
C TYR A 101 3.47 15.38 -3.55
N ASN A 102 4.07 15.08 -2.40
CA ASN A 102 5.32 15.77 -1.97
C ASN A 102 6.57 15.13 -2.60
N TYR A 103 6.52 14.57 -3.81
CA TYR A 103 7.63 13.79 -4.42
C TYR A 103 7.91 14.32 -5.81
N ASN A 104 9.17 14.65 -6.08
CA ASN A 104 9.62 15.01 -7.45
C ASN A 104 9.46 13.81 -8.37
N ASN A 105 9.95 12.62 -7.98
CA ASN A 105 10.00 11.44 -8.86
C ASN A 105 9.58 10.19 -8.10
N PRO A 106 8.27 10.04 -7.82
CA PRO A 106 7.80 8.96 -6.97
C PRO A 106 7.86 7.61 -7.67
N ASN A 107 8.38 6.62 -6.96
CA ASN A 107 8.23 5.19 -7.31
C ASN A 107 7.21 4.59 -6.35
N VAL A 108 6.16 4.02 -6.91
CA VAL A 108 5.01 3.46 -6.14
C VAL A 108 4.96 1.95 -6.40
N MET A 109 4.80 1.15 -5.34
CA MET A 109 4.47 -0.29 -5.43
C MET A 109 3.20 -0.57 -4.63
N ASP A 110 2.24 -1.25 -5.24
CA ASP A 110 0.98 -1.67 -4.56
C ASP A 110 1.14 -3.14 -4.17
N VAL A 111 1.09 -3.45 -2.88
CA VAL A 111 1.12 -4.85 -2.38
C VAL A 111 -0.19 -5.14 -1.65
N LYS A 112 -0.99 -6.07 -2.16
CA LYS A 112 -2.20 -6.60 -1.46
C LYS A 112 -1.77 -7.49 -0.28
N ILE A 113 -2.09 -7.07 0.94
CA ILE A 113 -1.72 -7.78 2.19
C ILE A 113 -3.00 -8.33 2.83
N GLY A 114 -4.17 -7.79 2.48
CA GLY A 114 -5.48 -8.34 2.89
C GLY A 114 -5.91 -9.52 2.03
N ALA A 115 -6.85 -10.32 2.50
CA ALA A 115 -7.37 -11.48 1.76
C ALA A 115 -7.86 -10.99 0.41
N ARG A 116 -7.62 -11.78 -0.64
CA ARG A 116 -8.19 -11.53 -1.98
C ARG A 116 -9.65 -11.99 -1.95
N LYS A 117 -10.52 -11.43 -2.79
CA LYS A 117 -11.97 -11.75 -2.67
C LYS A 117 -12.11 -13.26 -2.87
N ARG A 118 -11.51 -13.71 -3.95
CA ARG A 118 -11.31 -15.10 -4.39
C ARG A 118 -9.91 -15.13 -5.00
N LYS A 119 -9.28 -16.31 -4.98
CA LYS A 119 -7.92 -16.54 -5.50
C LYS A 119 -6.92 -16.48 -4.34
N SER A 120 -5.87 -17.30 -4.38
CA SER A 120 -4.81 -17.24 -3.36
C SER A 120 -3.81 -16.13 -3.73
N HIS A 121 -2.99 -15.72 -2.79
CA HIS A 121 -2.00 -14.66 -3.05
C HIS A 121 -0.93 -15.15 -4.03
N THR A 122 -0.47 -14.28 -4.92
CA THR A 122 0.55 -14.63 -5.94
C THR A 122 1.91 -14.89 -5.28
N SER A 123 2.13 -14.47 -4.04
CA SER A 123 3.42 -14.68 -3.33
C SER A 123 3.16 -15.31 -1.96
N GLY A 124 2.16 -16.18 -1.86
CA GLY A 124 1.91 -16.95 -0.62
C GLY A 124 1.16 -16.11 0.39
N PHE A 125 1.85 -15.17 1.06
CA PHE A 125 1.25 -14.34 2.15
C PHE A 125 0.75 -12.99 1.64
N PHE A 126 1.13 -12.59 0.43
CA PHE A 126 0.71 -11.29 -0.17
C PHE A 126 0.80 -11.36 -1.70
N SER A 127 0.27 -10.36 -2.39
CA SER A 127 0.33 -10.24 -3.88
C SER A 127 0.75 -8.83 -4.28
N ILE A 128 1.90 -8.70 -4.91
CA ILE A 128 2.30 -7.43 -5.56
C ILE A 128 1.29 -7.21 -6.69
N ARG A 129 0.58 -6.09 -6.66
CA ARG A 129 -0.44 -5.79 -7.68
C ARG A 129 0.21 -4.99 -8.80
N GLY A 130 1.31 -4.29 -8.54
CA GLY A 130 2.02 -3.51 -9.58
C GLY A 130 3.04 -2.57 -9.00
N TYR A 131 3.85 -1.98 -9.88
CA TYR A 131 4.90 -1.00 -9.46
C TYR A 131 5.35 -0.17 -10.65
N THR A 132 5.87 1.02 -10.36
CA THR A 132 6.35 1.99 -11.34
C THR A 132 7.40 1.29 -12.20
N ASN A 133 7.18 1.23 -13.52
CA ASN A 133 8.05 0.65 -14.57
C ASN A 133 7.95 -0.88 -14.56
N SER A 134 6.86 -1.46 -14.04
CA SER A 134 6.76 -2.93 -13.92
C SER A 134 6.70 -3.52 -15.34
N HIS A 135 6.20 -2.76 -16.31
CA HIS A 135 6.10 -3.23 -17.71
C HIS A 135 7.50 -3.54 -18.25
N ASP A 136 8.53 -2.74 -17.91
CA ASP A 136 9.95 -2.95 -18.33
C ASP A 136 10.53 -4.29 -17.88
N TYR A 137 9.98 -4.90 -16.82
CA TYR A 137 10.47 -6.17 -16.25
C TYR A 137 9.45 -7.28 -16.47
N LYS A 138 8.52 -7.08 -17.39
CA LYS A 138 7.52 -8.10 -17.81
C LYS A 138 6.79 -8.64 -16.58
N PHE A 139 6.50 -7.78 -15.62
CA PHE A 139 5.68 -8.09 -14.42
C PHE A 139 4.25 -8.38 -14.89
N ASP A 140 3.66 -9.46 -14.37
CA ASP A 140 2.27 -9.85 -14.70
C ASP A 140 1.55 -10.13 -13.38
N PRO A 141 0.54 -9.30 -13.04
CA PRO A 141 -0.17 -9.47 -11.78
C PRO A 141 -0.92 -10.81 -11.63
N ASP A 142 -1.13 -11.60 -12.69
CA ASP A 142 -1.79 -12.94 -12.54
C ASP A 142 -0.74 -14.04 -12.32
N GLU A 143 0.53 -13.79 -12.66
CA GLU A 143 1.61 -14.81 -12.49
C GLU A 143 1.82 -15.14 -10.99
N TYR A 144 1.58 -16.39 -10.60
CA TYR A 144 2.01 -16.96 -9.30
C TYR A 144 3.52 -17.05 -9.32
N LEU A 145 4.17 -16.56 -8.27
CA LEU A 145 5.64 -16.37 -8.18
C LEU A 145 6.23 -17.26 -7.11
N THR A 146 7.48 -17.67 -7.31
CA THR A 146 8.37 -18.27 -6.27
C THR A 146 8.81 -17.13 -5.34
N SER A 147 9.46 -17.47 -4.23
CA SER A 147 10.20 -16.53 -3.36
C SER A 147 11.26 -15.79 -4.18
N GLU A 148 11.85 -16.47 -5.15
CA GLU A 148 12.99 -15.91 -5.90
C GLU A 148 12.44 -14.78 -6.81
N SER A 149 11.32 -15.04 -7.49
CA SER A 149 10.67 -14.07 -8.40
C SER A 149 10.15 -12.88 -7.59
N THR A 150 9.43 -13.17 -6.50
CA THR A 150 8.88 -12.18 -5.56
C THR A 150 9.99 -11.20 -5.17
N ILE A 151 11.14 -11.72 -4.74
CA ILE A 151 12.26 -10.88 -4.25
C ILE A 151 12.80 -10.10 -5.46
N ASN A 152 12.82 -10.71 -6.64
CA ASN A 152 13.39 -10.08 -7.86
C ASN A 152 12.54 -8.88 -8.24
N HIS A 153 11.23 -9.00 -8.11
CA HIS A 153 10.25 -7.93 -8.42
C HIS A 153 10.42 -6.75 -7.47
N ILE A 154 10.74 -7.02 -6.21
CA ILE A 154 10.99 -5.94 -5.21
C ILE A 154 12.34 -5.31 -5.53
N LYS A 155 13.35 -6.07 -5.94
CA LYS A 155 14.64 -5.49 -6.39
C LYS A 155 14.42 -4.63 -7.63
N ASN A 156 13.57 -5.09 -8.55
CA ASN A 156 13.18 -4.34 -9.78
C ASN A 156 12.58 -2.98 -9.38
N PHE A 157 11.68 -2.99 -8.39
CA PHE A 157 10.99 -1.76 -7.92
C PHE A 157 12.00 -0.78 -7.32
N MET A 158 13.09 -1.27 -6.74
CA MET A 158 14.13 -0.45 -6.09
C MET A 158 15.14 0.04 -7.13
N GLU A 159 15.12 -0.47 -8.36
CA GLU A 159 16.19 -0.12 -9.35
C GLU A 159 16.21 1.39 -9.58
N ALA A 160 15.06 2.03 -9.71
CA ALA A 160 14.96 3.48 -10.03
C ALA A 160 15.69 4.32 -8.99
N GLY A 161 15.92 3.80 -7.79
CA GLY A 161 16.60 4.52 -6.69
C GLY A 161 18.11 4.49 -6.80
N GLY A 162 18.63 3.88 -7.86
CA GLY A 162 20.04 4.07 -8.26
C GLY A 162 20.97 3.21 -7.45
N GLU A 163 22.27 3.40 -7.68
CA GLU A 163 23.35 2.44 -7.33
C GLU A 163 23.95 2.83 -5.96
N ASN A 164 23.56 3.98 -5.39
CA ASN A 164 23.94 4.34 -4.00
C ASN A 164 23.34 3.29 -3.05
N ARG A 165 24.08 2.21 -2.84
CA ARG A 165 23.64 1.06 -2.02
C ARG A 165 23.36 1.52 -0.58
N ASP A 166 24.20 2.37 0.00
CA ASP A 166 23.95 2.86 1.38
C ASP A 166 23.02 4.08 1.36
N LYS A 167 21.82 3.93 0.83
CA LYS A 167 20.83 5.02 0.68
C LYS A 167 19.56 4.32 0.28
N THR A 168 19.68 3.29 -0.55
CA THR A 168 18.49 2.44 -0.76
C THR A 168 18.23 1.66 0.52
N LYS A 169 19.27 1.24 1.25
CA LYS A 169 19.00 0.46 2.49
C LYS A 169 18.41 1.37 3.57
N GLN A 170 18.71 2.66 3.59
CA GLN A 170 17.98 3.66 4.41
C GLN A 170 16.47 3.65 4.06
N VAL A 171 16.13 3.60 2.78
CA VAL A 171 14.72 3.46 2.33
C VAL A 171 14.15 2.15 2.89
N LEU A 172 14.87 1.05 2.73
CA LEU A 172 14.33 -0.25 3.19
C LEU A 172 14.09 -0.15 4.71
N LEU A 173 15.04 0.40 5.44
CA LEU A 173 15.05 0.45 6.92
C LEU A 173 13.90 1.35 7.43
N LYS A 174 13.63 2.48 6.77
CA LYS A 174 12.49 3.34 7.16
C LYS A 174 11.19 2.57 6.90
N TRP A 175 11.16 1.74 5.88
CA TRP A 175 9.94 0.95 5.57
C TRP A 175 9.74 -0.09 6.65
N ILE A 176 10.83 -0.72 7.06
CA ILE A 176 10.82 -1.80 8.09
C ILE A 176 10.37 -1.19 9.42
N MET A 177 10.84 -0.01 9.72
CA MET A 177 10.50 0.72 10.96
C MET A 177 8.97 0.86 11.03
N LYS A 178 8.34 1.36 9.97
CA LYS A 178 6.87 1.63 9.98
C LYS A 178 6.08 0.31 9.86
N LEU A 179 6.56 -0.67 9.08
CA LEU A 179 5.84 -1.96 8.89
C LEU A 179 5.84 -2.74 10.22
N SER A 180 6.95 -2.71 10.96
CA SER A 180 7.11 -3.27 12.33
C SER A 180 6.03 -2.72 13.25
N GLU A 181 5.93 -1.38 13.34
CA GLU A 181 4.97 -0.74 14.26
C GLU A 181 3.55 -1.12 13.80
N LEU A 182 3.30 -1.19 12.50
CA LEU A 182 1.99 -1.57 11.92
C LEU A 182 1.63 -3.02 12.35
N ALA A 183 2.53 -3.97 12.16
CA ALA A 183 2.28 -5.40 12.52
C ALA A 183 1.96 -5.49 14.02
N ASN A 184 2.80 -4.91 14.87
CA ASN A 184 2.55 -4.75 16.32
C ASN A 184 1.13 -4.22 16.57
N ASP A 185 0.76 -3.08 15.99
CA ASP A 185 -0.53 -2.40 16.24
C ASP A 185 -1.69 -3.27 15.71
N LEU A 186 -1.45 -4.09 14.68
CA LEU A 186 -2.53 -4.92 14.09
C LEU A 186 -3.04 -5.96 15.10
N PHE A 187 -2.23 -6.40 16.06
CA PHE A 187 -2.63 -7.40 17.10
C PHE A 187 -3.83 -6.90 17.93
N GLU A 188 -4.09 -5.59 17.98
CA GLU A 188 -5.05 -4.98 18.93
C GLU A 188 -6.20 -4.34 18.16
N ILE A 189 -6.40 -4.72 16.89
CA ILE A 189 -7.47 -4.13 16.03
C ILE A 189 -8.37 -5.21 15.47
N ASN A 190 -9.67 -5.11 15.76
CA ASN A 190 -10.66 -6.19 15.52
C ASN A 190 -11.38 -5.90 14.19
N LEU A 191 -10.59 -5.92 13.12
CA LEU A 191 -11.05 -5.71 11.73
C LEU A 191 -10.50 -6.85 10.89
N LYS A 192 -11.22 -7.24 9.85
CA LYS A 192 -10.69 -8.16 8.83
C LYS A 192 -10.33 -7.30 7.62
N PHE A 193 -9.05 -7.12 7.35
CA PHE A 193 -8.56 -6.15 6.33
C PHE A 193 -8.63 -6.77 4.93
N ASP A 194 -9.77 -7.36 4.58
CA ASP A 194 -9.97 -7.97 3.23
C ASP A 194 -9.65 -6.87 2.21
N GLY A 195 -8.76 -7.17 1.28
CA GLY A 195 -8.54 -6.33 0.08
C GLY A 195 -7.57 -5.19 0.30
N VAL A 196 -7.13 -4.90 1.54
CA VAL A 196 -6.31 -3.66 1.74
C VAL A 196 -4.94 -3.88 1.11
N SER A 197 -4.31 -2.79 0.72
CA SER A 197 -2.96 -2.79 0.12
C SER A 197 -2.06 -1.89 0.94
N LEU A 198 -0.77 -2.18 0.82
CA LEU A 198 0.33 -1.29 1.19
C LEU A 198 0.73 -0.56 -0.09
N ILE A 199 0.86 0.76 0.01
CA ILE A 199 1.43 1.61 -1.06
C ILE A 199 2.79 2.04 -0.57
N PHE A 200 3.84 1.39 -1.08
CA PHE A 200 5.25 1.81 -0.86
C PHE A 200 5.59 2.94 -1.81
N ILE A 201 6.19 4.04 -1.33
CA ILE A 201 6.68 5.17 -2.18
C ILE A 201 8.11 5.55 -1.78
N TYR A 202 8.94 5.84 -2.77
CA TYR A 202 10.30 6.42 -2.56
C TYR A 202 10.63 7.37 -3.73
N ASP A 203 11.31 8.47 -3.42
CA ASP A 203 11.75 9.43 -4.45
C ASP A 203 12.95 8.81 -5.18
N ASP A 204 13.09 8.99 -6.50
CA ASP A 204 14.30 8.61 -7.29
C ASP A 204 15.59 8.92 -6.50
N ASP A 205 15.70 10.06 -5.81
CA ASP A 205 16.96 10.48 -5.16
C ASP A 205 17.12 9.77 -3.80
N CYS A 206 16.14 8.94 -3.40
CA CYS A 206 16.06 8.23 -2.09
C CYS A 206 16.12 9.17 -0.89
N SER A 207 15.71 10.44 -0.98
CA SER A 207 15.74 11.40 0.17
C SER A 207 14.49 11.26 1.03
N LYS A 208 13.46 10.62 0.51
CA LYS A 208 12.12 10.54 1.12
C LYS A 208 11.51 9.18 0.79
N CYS A 209 10.76 8.58 1.71
CA CYS A 209 9.94 7.39 1.41
C CYS A 209 8.82 7.26 2.42
N ASP A 210 7.89 6.37 2.16
CA ASP A 210 6.82 6.08 3.13
C ASP A 210 6.10 4.83 2.64
N VAL A 211 5.27 4.30 3.53
CA VAL A 211 4.32 3.20 3.22
C VAL A 211 3.05 3.48 4.02
N ASN A 212 1.89 3.29 3.43
CA ASN A 212 0.58 3.52 4.06
C ASN A 212 -0.39 2.44 3.59
N VAL A 213 -1.41 2.19 4.42
CA VAL A 213 -2.51 1.24 4.15
C VAL A 213 -3.62 2.02 3.42
N VAL A 214 -4.15 1.42 2.36
CA VAL A 214 -5.29 1.97 1.56
C VAL A 214 -6.29 0.85 1.20
N ASP A 215 -7.50 1.24 0.77
CA ASP A 215 -8.55 0.41 0.14
C ASP A 215 -9.31 -0.36 1.23
N PHE A 216 -10.26 0.31 1.86
CA PHE A 216 -11.06 -0.26 2.97
C PHE A 216 -12.42 -0.75 2.45
N SER A 217 -12.63 -0.74 1.13
CA SER A 217 -13.94 -1.05 0.50
C SER A 217 -14.53 -2.37 1.05
N ARG A 218 -13.73 -3.42 1.27
CA ARG A 218 -14.17 -4.80 1.65
C ARG A 218 -13.82 -5.16 3.11
N VAL A 219 -13.52 -4.18 3.97
CA VAL A 219 -13.08 -4.43 5.38
C VAL A 219 -14.33 -4.63 6.25
N LYS A 220 -14.21 -5.51 7.24
CA LYS A 220 -15.33 -6.02 8.08
C LYS A 220 -14.94 -5.98 9.56
N LEU A 221 -15.93 -5.77 10.41
CA LEU A 221 -15.82 -5.96 11.87
C LEU A 221 -15.68 -7.47 12.14
N ILE A 222 -14.81 -7.83 13.08
CA ILE A 222 -14.76 -9.20 13.65
C ILE A 222 -14.46 -9.10 15.16
N ASP A 223 -14.44 -10.25 15.83
CA ASP A 223 -14.37 -10.37 17.31
C ASP A 223 -12.90 -10.52 17.72
N THR A 224 -12.00 -10.74 16.75
CA THR A 224 -10.55 -10.98 16.96
C THR A 224 -9.72 -10.10 16.00
N ASN A 225 -8.42 -10.37 15.93
CA ASN A 225 -7.49 -9.65 15.03
C ASN A 225 -7.27 -10.49 13.77
N ASP A 226 -6.60 -9.93 12.77
CA ASP A 226 -6.48 -10.51 11.41
C ASP A 226 -5.07 -11.11 11.25
N GLN A 227 -4.95 -12.40 11.55
CA GLN A 227 -3.68 -13.15 11.54
C GLN A 227 -3.18 -13.26 10.10
N MET A 228 -4.08 -13.29 9.15
CA MET A 228 -3.69 -13.43 7.73
C MET A 228 -2.94 -12.14 7.32
N THR A 229 -3.52 -10.98 7.66
CA THR A 229 -2.99 -9.66 7.28
C THR A 229 -1.70 -9.39 8.09
N ILE A 230 -1.65 -9.76 9.36
CA ILE A 230 -0.40 -9.73 10.17
C ILE A 230 0.67 -10.61 9.50
N SER A 231 0.35 -11.80 9.00
CA SER A 231 1.36 -12.69 8.38
C SER A 231 1.89 -12.11 7.06
N ALA A 232 1.07 -11.38 6.31
CA ALA A 232 1.54 -10.63 5.12
C ALA A 232 2.61 -9.59 5.55
N VAL A 233 2.31 -8.77 6.56
CA VAL A 233 3.21 -7.67 6.98
C VAL A 233 4.53 -8.30 7.46
N THR A 234 4.49 -9.30 8.35
CA THR A 234 5.70 -9.91 8.94
C THR A 234 6.56 -10.53 7.85
N ASN A 235 5.92 -11.11 6.83
CA ASN A 235 6.65 -11.76 5.71
C ASN A 235 7.36 -10.67 4.89
N LEU A 236 6.67 -9.56 4.60
CA LEU A 236 7.29 -8.39 3.91
C LEU A 236 8.46 -7.90 4.77
N ILE A 237 8.30 -7.88 6.09
CA ILE A 237 9.38 -7.37 6.98
C ILE A 237 10.57 -8.28 6.75
N LYS A 238 10.35 -9.59 6.71
CA LYS A 238 11.42 -10.59 6.54
C LYS A 238 12.18 -10.34 5.23
N ILE A 239 11.43 -10.13 4.16
CA ILE A 239 11.98 -9.99 2.79
C ILE A 239 12.80 -8.69 2.75
N LEU A 240 12.20 -7.58 3.19
CA LEU A 240 12.88 -6.26 3.19
C LEU A 240 14.15 -6.33 4.06
N SER A 241 14.10 -7.05 5.18
CA SER A 241 15.23 -7.22 6.13
C SER A 241 16.38 -7.95 5.46
N GLU A 242 16.08 -9.06 4.77
CA GLU A 242 17.05 -9.81 3.91
C GLU A 242 17.62 -8.83 2.88
N LEU A 243 16.79 -8.04 2.19
CA LEU A 243 17.35 -7.05 1.23
C LEU A 243 18.26 -6.05 1.94
N ALA A 244 17.85 -5.48 3.08
CA ALA A 244 18.65 -4.43 3.75
C ALA A 244 19.95 -5.03 4.30
N ASP A 245 20.07 -6.35 4.42
CA ASP A 245 21.27 -6.98 5.04
C ASP A 245 22.20 -7.71 4.04
N ASN A 246 21.74 -8.15 2.86
CA ASN A 246 22.64 -8.86 1.91
C ASN A 246 23.65 -7.84 1.39
N PRO A 247 24.93 -8.23 1.26
CA PRO A 247 25.99 -7.30 0.87
C PRO A 247 26.28 -7.39 -0.64
PB ADP B . -8.99 -0.16 -5.94
O1B ADP B . -8.10 -1.37 -5.82
O2B ADP B . -9.21 0.22 -7.35
O3B ADP B . -10.29 -0.31 -5.12
PA ADP B . -7.06 1.32 -4.23
O1A ADP B . -6.33 0.04 -3.96
O2A ADP B . -7.63 2.10 -3.10
O3A ADP B . -8.25 1.13 -5.30
O5' ADP B . -6.11 2.24 -5.13
C5' ADP B . -5.55 1.62 -6.32
C4' ADP B . -4.34 2.40 -6.75
O4' ADP B . -4.57 3.82 -6.55
C3' ADP B . -3.04 2.08 -5.99
O3' ADP B . -2.37 1.01 -6.64
C2' ADP B . -2.29 3.42 -6.05
O2' ADP B . -1.52 3.57 -7.21
C1' ADP B . -3.41 4.45 -6.06
N9 ADP B . -3.76 5.08 -4.79
C8 ADP B . -4.82 4.79 -3.95
N7 ADP B . -4.94 5.62 -2.94
C5 ADP B . -3.91 6.54 -3.13
C6 ADP B . -3.51 7.67 -2.41
N6 ADP B . -4.15 8.14 -1.33
N1 ADP B . -2.49 8.39 -2.89
C2 ADP B . -1.87 7.97 -4.01
N3 ADP B . -2.14 6.90 -4.76
C4 ADP B . -3.19 6.22 -4.26
MG MG C . -7.04 -2.11 -4.16
O41 I4P D . -13.16 -4.29 -11.29
P1 I4P D . -13.57 -4.96 -10.04
O21 I4P D . -14.23 -3.99 -8.96
O31 I4P D . -14.34 -6.35 -10.30
O11 I4P D . -12.17 -5.50 -9.39
C1 I4P D . -11.85 -5.73 -7.97
C2 I4P D . -10.39 -5.24 -7.77
O16 I4P D . -10.47 -3.86 -7.38
C3 I4P D . -9.54 -6.02 -6.76
O15 I4P D . -8.11 -5.90 -7.03
P5 I4P D . -7.24 -4.59 -6.72
O45 I4P D . -7.49 -4.14 -5.20
O25 I4P D . -7.88 -3.78 -7.74
O35 I4P D . -5.71 -5.06 -7.03
C4 I4P D . -9.79 -7.48 -6.80
O14 I4P D . -9.09 -7.93 -5.67
P4 I4P D . -8.45 -9.33 -5.43
O44 I4P D . -6.90 -9.13 -5.84
O24 I4P D . -8.58 -9.41 -3.85
O34 I4P D . -9.11 -10.34 -6.29
C5 I4P D . -11.21 -7.77 -6.55
O13 I4P D . -11.32 -9.21 -6.54
C6 I4P D . -12.08 -7.21 -7.66
O12 I4P D . -13.45 -7.36 -7.24
P2 I4P D . -14.34 -8.62 -7.68
O42 I4P D . -14.31 -8.54 -9.30
O22 I4P D . -15.74 -8.26 -7.00
O32 I4P D . -13.65 -9.81 -7.16
#